data_1ITB
#
_entry.id   1ITB
#
_cell.length_a   146.952
_cell.length_b   68.452
_cell.length_c   65.867
_cell.angle_alpha   90.00
_cell.angle_beta   108.95
_cell.angle_gamma   90.00
#
_symmetry.space_group_name_H-M   'C 1 2 1'
#
loop_
_entity.id
_entity.type
_entity.pdbx_description
1 polymer 'INTERLEUKIN-1 BETA'
2 polymer 'TYPE 1 INTERLEUKIN-1 RECEPTOR'
3 water water
#
loop_
_entity_poly.entity_id
_entity_poly.type
_entity_poly.pdbx_seq_one_letter_code
_entity_poly.pdbx_strand_id
1 'polypeptide(L)'
;APVRSLNCTLRDSQQKSLVMSGPYELKALHLQGQDMEQQVVFSMSFVQGEESNDKIPVALGLKEKNLYLSCVLKDDKPTL
QLESVDPKNYPKKKMEKRFVFNKIEINNKLEFESAQFPNWYISTSQAENMPVFLGGTKGGQDITDFTMQFVSS
;
A
2 'polypeptide(L)'
;LEADKCKEREEKIILVSSANEIDVRPCPLNPNEHKGTITWYKDDSKTPVSTEQASRIHQHKEKLWFVPAKVEDSGHYYCV
VRNSSYCLRIKISAKFVENEPNLCYNAQAIFKQKLPVAGDGGLVCPYMEFFKNENNELPKLQWYKDCKPLLLDNIHFSGV
KDRLIVMNVAEKHRGNYTCHASYTYLGKQYPITRVIEFITLEENKPTRPVIVSPANETMEVDLGSQIQLICNVTGQLSDI
AYWKWNGSVIDEDDPVLGEDYYSVENPANKRRSTLITVLNISEIESRFYKHPFTCFAKNTHGIDAAYIQLIYPVT
;
B
#
# COMPACT_ATOMS: atom_id res chain seq x y z
N ALA A 1 14.78 9.96 -18.84
CA ALA A 1 14.88 9.69 -17.39
C ALA A 1 15.92 8.62 -17.19
N PRO A 2 16.86 8.81 -16.26
CA PRO A 2 17.93 7.85 -15.96
C PRO A 2 17.47 6.55 -15.32
N VAL A 3 16.35 6.60 -14.61
CA VAL A 3 15.77 5.44 -13.96
C VAL A 3 14.27 5.37 -14.31
N ARG A 4 13.76 4.16 -14.36
CA ARG A 4 12.35 3.95 -14.69
C ARG A 4 11.57 4.02 -13.38
N SER A 5 10.60 4.94 -13.33
CA SER A 5 9.76 5.16 -12.14
C SER A 5 8.28 5.29 -12.46
N LEU A 6 7.44 4.79 -11.55
CA LEU A 6 5.98 4.84 -11.67
C LEU A 6 5.37 5.25 -10.33
N ASN A 7 4.27 6.00 -10.41
CA ASN A 7 3.55 6.48 -9.23
C ASN A 7 2.43 5.51 -8.90
N CYS A 8 2.45 4.97 -7.68
CA CYS A 8 1.45 4.00 -7.22
C CYS A 8 0.91 4.36 -5.83
N THR A 9 -0.10 3.60 -5.38
CA THR A 9 -0.71 3.88 -4.08
C THR A 9 -0.58 2.83 -2.97
N LEU A 10 -0.69 1.54 -3.31
CA LEU A 10 -0.61 0.49 -2.25
C LEU A 10 -1.69 0.44 -1.13
N ARG A 11 -2.35 -0.71 -1.01
CA ARG A 11 -3.35 -0.98 0.02
C ARG A 11 -3.03 -2.41 0.46
N ASP A 12 -3.07 -2.72 1.76
CA ASP A 12 -2.78 -4.10 2.14
C ASP A 12 -3.91 -5.04 1.70
N SER A 13 -3.78 -6.34 1.96
CA SER A 13 -4.80 -7.30 1.52
C SER A 13 -6.09 -7.23 2.30
N GLN A 14 -6.04 -6.52 3.43
CA GLN A 14 -7.19 -6.32 4.29
C GLN A 14 -7.93 -5.01 4.00
N GLN A 15 -7.50 -4.36 2.93
CA GLN A 15 -8.06 -3.13 2.41
C GLN A 15 -7.66 -1.84 3.07
N LYS A 16 -6.72 -1.93 4.01
CA LYS A 16 -6.21 -0.75 4.70
C LYS A 16 -5.22 0.03 3.81
N SER A 17 -5.41 1.34 3.79
CA SER A 17 -4.58 2.22 3.02
C SER A 17 -3.42 2.65 3.90
N LEU A 18 -2.43 3.33 3.33
CA LEU A 18 -1.27 3.75 4.12
C LEU A 18 -1.18 5.27 4.12
N VAL A 19 -0.77 5.83 5.26
CA VAL A 19 -0.68 7.29 5.38
C VAL A 19 0.49 7.69 6.24
N MET A 20 0.75 8.98 6.27
CA MET A 20 1.84 9.46 7.08
C MET A 20 1.34 9.53 8.51
N SER A 21 2.15 8.99 9.42
CA SER A 21 1.88 9.00 10.85
C SER A 21 2.98 9.94 11.36
N GLY A 22 2.95 11.19 10.89
CA GLY A 22 3.98 12.14 11.27
C GLY A 22 5.26 11.83 10.52
N PRO A 23 5.66 12.65 9.52
CA PRO A 23 6.87 12.49 8.69
C PRO A 23 8.00 11.74 9.37
N TYR A 24 8.35 10.61 8.77
CA TYR A 24 9.37 9.64 9.19
C TYR A 24 8.79 8.32 9.69
N GLU A 25 7.48 8.17 9.51
CA GLU A 25 6.72 6.98 9.91
C GLU A 25 5.45 6.85 9.08
N LEU A 26 5.03 5.62 8.84
CA LEU A 26 3.83 5.37 8.05
C LEU A 26 2.89 4.48 8.83
N LYS A 27 1.61 4.53 8.50
CA LYS A 27 0.65 3.66 9.16
C LYS A 27 -0.46 3.28 8.20
N ALA A 28 -1.05 2.12 8.45
CA ALA A 28 -2.13 1.60 7.64
C ALA A 28 -3.41 1.55 8.46
N LEU A 29 -4.49 2.07 7.85
CA LEU A 29 -5.84 2.11 8.41
C LEU A 29 -6.83 2.18 7.23
N HIS A 30 -8.09 1.89 7.50
CA HIS A 30 -9.10 1.95 6.46
C HIS A 30 -9.52 3.42 6.53
N LEU A 31 -9.54 4.08 5.36
CA LEU A 31 -9.92 5.49 5.24
C LEU A 31 -11.36 5.73 4.77
N GLN A 32 -12.04 6.69 5.40
CA GLN A 32 -13.42 7.03 5.03
C GLN A 32 -13.47 7.82 3.74
N GLY A 33 -14.52 7.63 2.96
CA GLY A 33 -14.67 8.29 1.66
C GLY A 33 -14.32 9.76 1.48
N GLN A 34 -13.98 10.45 2.58
CA GLN A 34 -13.60 11.87 2.55
C GLN A 34 -12.09 12.07 2.65
N ASP A 35 -11.45 11.32 3.55
CA ASP A 35 -10.00 11.40 3.78
C ASP A 35 -9.16 10.61 2.78
N MET A 36 -9.74 10.12 1.69
CA MET A 36 -8.99 9.33 0.70
C MET A 36 -7.72 9.96 0.11
N GLU A 37 -7.60 11.28 0.24
CA GLU A 37 -6.45 12.03 -0.25
C GLU A 37 -5.31 12.11 0.76
N GLN A 38 -5.48 11.40 1.88
CA GLN A 38 -4.50 11.36 2.96
C GLN A 38 -3.46 10.30 2.68
N GLN A 39 -3.72 9.42 1.69
CA GLN A 39 -2.79 8.34 1.37
C GLN A 39 -1.56 8.79 0.60
N VAL A 40 -0.43 8.16 0.93
CA VAL A 40 0.86 8.46 0.34
C VAL A 40 1.07 7.92 -1.05
N VAL A 41 1.46 8.80 -1.95
CA VAL A 41 1.70 8.37 -3.30
C VAL A 41 3.18 8.03 -3.33
N PHE A 42 3.49 6.83 -3.84
CA PHE A 42 4.87 6.38 -3.93
C PHE A 42 5.46 6.58 -5.30
N SER A 43 6.78 6.52 -5.35
CA SER A 43 7.50 6.64 -6.59
C SER A 43 8.33 5.37 -6.60
N MET A 44 7.74 4.34 -7.20
CA MET A 44 8.42 3.05 -7.29
C MET A 44 9.36 3.04 -8.47
N SER A 45 10.64 3.03 -8.16
CA SER A 45 11.68 3.01 -9.16
C SER A 45 12.16 1.57 -9.34
N PHE A 46 12.45 1.21 -10.58
CA PHE A 46 12.97 -0.11 -10.89
C PHE A 46 14.48 0.06 -10.82
N VAL A 47 15.03 -0.32 -9.67
CA VAL A 47 16.45 -0.21 -9.44
C VAL A 47 17.08 -1.53 -9.86
N GLN A 48 18.37 -1.53 -10.15
CA GLN A 48 19.01 -2.77 -10.55
C GLN A 48 19.62 -3.50 -9.33
N GLY A 49 19.32 -4.79 -9.25
CA GLY A 49 19.81 -5.63 -8.18
C GLY A 49 19.81 -7.05 -8.73
N GLU A 50 19.39 -8.02 -7.94
CA GLU A 50 19.40 -9.41 -8.40
C GLU A 50 18.14 -9.77 -9.14
N GLU A 51 18.08 -9.46 -10.43
CA GLU A 51 16.92 -9.77 -11.23
C GLU A 51 16.75 -11.28 -11.48
N SER A 52 15.95 -11.86 -10.58
CA SER A 52 15.65 -13.28 -10.56
C SER A 52 14.45 -13.69 -11.39
N ASN A 53 13.88 -12.75 -12.14
CA ASN A 53 12.73 -13.04 -12.99
C ASN A 53 11.40 -13.11 -12.19
N ASP A 54 11.38 -13.95 -11.14
CA ASP A 54 10.20 -14.08 -10.28
C ASP A 54 10.22 -12.99 -9.19
N LYS A 55 11.20 -12.10 -9.28
CA LYS A 55 11.37 -10.98 -8.37
C LYS A 55 11.81 -9.82 -9.24
N ILE A 56 11.49 -8.61 -8.81
CA ILE A 56 11.87 -7.41 -9.53
C ILE A 56 12.26 -6.37 -8.48
N PRO A 57 13.57 -6.06 -8.37
CA PRO A 57 14.05 -5.08 -7.40
C PRO A 57 13.45 -3.69 -7.59
N VAL A 58 13.08 -3.05 -6.49
CA VAL A 58 12.50 -1.72 -6.56
C VAL A 58 12.98 -0.83 -5.40
N ALA A 59 12.70 0.46 -5.55
CA ALA A 59 13.00 1.46 -4.54
C ALA A 59 11.64 2.12 -4.29
N LEU A 60 11.28 2.25 -3.01
CA LEU A 60 10.01 2.86 -2.64
C LEU A 60 10.22 4.17 -1.90
N GLY A 61 9.86 5.26 -2.59
CA GLY A 61 10.00 6.56 -2.02
C GLY A 61 8.73 7.38 -2.09
N LEU A 62 8.56 8.21 -1.07
CA LEU A 62 7.43 9.10 -0.99
C LEU A 62 7.58 10.14 -2.11
N LYS A 63 6.56 10.18 -2.97
CA LYS A 63 6.47 11.05 -4.18
C LYS A 63 7.44 12.22 -4.30
N GLU A 64 6.98 13.42 -3.92
CA GLU A 64 7.82 14.61 -3.98
C GLU A 64 7.98 14.99 -2.53
N LYS A 65 8.44 14.04 -1.74
CA LYS A 65 8.63 14.24 -0.30
C LYS A 65 10.07 13.90 0.11
N ASN A 66 10.87 13.45 -0.87
CA ASN A 66 12.28 13.09 -0.69
C ASN A 66 12.52 12.21 0.52
N LEU A 67 11.84 11.08 0.52
CA LEU A 67 11.94 10.11 1.61
C LEU A 67 11.95 8.76 0.94
N TYR A 68 12.78 7.86 1.45
CA TYR A 68 12.89 6.53 0.88
C TYR A 68 12.82 5.48 1.95
N LEU A 69 11.98 4.47 1.73
CA LEU A 69 11.87 3.38 2.67
C LEU A 69 13.15 2.60 2.58
N SER A 70 13.79 2.38 3.72
CA SER A 70 15.03 1.63 3.80
C SER A 70 14.95 0.67 4.96
N CYS A 71 15.83 -0.34 4.95
CA CYS A 71 15.88 -1.35 6.00
C CYS A 71 17.26 -1.33 6.63
N VAL A 72 17.28 -1.17 7.94
CA VAL A 72 18.54 -1.14 8.66
C VAL A 72 18.46 -2.05 9.89
N LEU A 73 19.61 -2.31 10.47
CA LEU A 73 19.63 -3.12 11.65
C LEU A 73 19.52 -2.12 12.78
N LYS A 74 18.48 -2.31 13.58
CA LYS A 74 18.24 -1.45 14.74
C LYS A 74 18.06 -2.45 15.88
N ASP A 75 19.05 -2.49 16.75
CA ASP A 75 19.03 -3.41 17.89
C ASP A 75 19.19 -4.86 17.49
N ASP A 76 20.01 -5.09 16.46
CA ASP A 76 20.28 -6.45 15.97
C ASP A 76 19.04 -7.10 15.34
N LYS A 77 18.07 -6.28 14.98
CA LYS A 77 16.81 -6.75 14.38
C LYS A 77 16.53 -5.95 13.13
N PRO A 78 16.18 -6.63 12.02
CA PRO A 78 15.88 -5.89 10.78
C PRO A 78 14.66 -5.02 11.01
N THR A 79 14.79 -3.74 10.68
CA THR A 79 13.71 -2.80 10.87
C THR A 79 13.52 -1.81 9.72
N LEU A 80 12.25 -1.42 9.48
CA LEU A 80 11.90 -0.46 8.45
C LEU A 80 12.03 0.95 9.01
N GLN A 81 12.42 1.88 8.16
CA GLN A 81 12.53 3.27 8.56
C GLN A 81 12.49 4.15 7.31
N LEU A 82 12.07 5.40 7.50
CA LEU A 82 12.00 6.35 6.41
C LEU A 82 13.17 7.30 6.58
N GLU A 83 13.93 7.48 5.51
CA GLU A 83 15.05 8.40 5.59
C GLU A 83 15.08 9.31 4.39
N SER A 84 15.41 10.57 4.65
CA SER A 84 15.49 11.54 3.57
C SER A 84 16.84 11.38 2.91
N VAL A 85 16.88 11.80 1.66
CA VAL A 85 18.07 11.71 0.84
C VAL A 85 18.16 13.01 0.05
N ASP A 86 19.17 13.12 -0.79
CA ASP A 86 19.35 14.32 -1.59
C ASP A 86 18.48 14.20 -2.84
N PRO A 87 17.62 15.19 -3.09
CA PRO A 87 16.73 15.18 -4.26
C PRO A 87 17.44 15.20 -5.62
N LYS A 88 18.66 15.76 -5.66
CA LYS A 88 19.42 15.84 -6.91
C LYS A 88 20.03 14.50 -7.31
N ASN A 89 20.56 13.80 -6.30
CA ASN A 89 21.18 12.50 -6.52
C ASN A 89 20.12 11.41 -6.69
N TYR A 90 18.93 11.62 -6.14
CA TYR A 90 17.87 10.63 -6.18
C TYR A 90 16.66 10.90 -7.06
N PRO A 91 16.01 9.83 -7.54
CA PRO A 91 16.32 8.40 -7.34
C PRO A 91 17.39 7.89 -8.30
N LYS A 92 18.15 6.88 -7.87
CA LYS A 92 19.20 6.32 -8.73
C LYS A 92 18.83 4.88 -9.13
N LYS A 93 19.36 4.37 -10.23
CA LYS A 93 19.06 2.98 -10.63
C LYS A 93 19.99 2.05 -9.85
N LYS A 94 21.10 2.61 -9.36
CA LYS A 94 22.07 1.87 -8.57
C LYS A 94 21.85 2.30 -7.13
N MET A 95 20.87 1.66 -6.50
CA MET A 95 20.48 1.98 -5.13
C MET A 95 21.15 1.13 -4.05
N GLU A 96 21.52 1.79 -2.95
CA GLU A 96 22.16 1.10 -1.82
C GLU A 96 21.18 0.04 -1.32
N LYS A 97 21.71 -1.14 -1.00
CA LYS A 97 20.88 -2.26 -0.56
C LYS A 97 19.73 -2.01 0.43
N ARG A 98 19.94 -1.10 1.37
CA ARG A 98 18.90 -0.81 2.36
C ARG A 98 17.54 -0.40 1.77
N PHE A 99 17.55 0.42 0.73
CA PHE A 99 16.31 0.88 0.11
C PHE A 99 15.78 -0.11 -0.89
N VAL A 100 16.42 -1.26 -1.02
CA VAL A 100 16.01 -2.22 -2.02
C VAL A 100 15.15 -3.38 -1.56
N PHE A 101 13.99 -3.48 -2.20
CA PHE A 101 12.97 -4.51 -1.96
C PHE A 101 12.68 -5.24 -3.27
N ASN A 102 12.54 -6.55 -3.20
CA ASN A 102 12.19 -7.34 -4.37
C ASN A 102 10.65 -7.44 -4.45
N LYS A 103 10.06 -6.87 -5.49
CA LYS A 103 8.60 -6.90 -5.70
C LYS A 103 8.15 -8.25 -6.29
N ILE A 104 7.59 -9.10 -5.42
CA ILE A 104 7.13 -10.44 -5.79
C ILE A 104 5.61 -10.46 -5.99
N GLU A 105 5.18 -10.95 -7.16
CA GLU A 105 3.75 -11.03 -7.46
C GLU A 105 3.25 -12.46 -7.60
N ILE A 106 2.48 -12.92 -6.61
CA ILE A 106 1.94 -14.27 -6.65
C ILE A 106 0.60 -14.35 -7.39
N ASN A 107 -0.51 -14.08 -6.70
CA ASN A 107 -1.84 -14.11 -7.33
C ASN A 107 -2.35 -12.71 -7.42
N ASN A 108 -1.63 -11.90 -8.21
CA ASN A 108 -1.93 -10.49 -8.38
C ASN A 108 -1.78 -9.86 -6.97
N LYS A 109 -1.04 -10.59 -6.12
CA LYS A 109 -0.78 -10.22 -4.73
C LYS A 109 0.70 -9.90 -4.47
N LEU A 110 0.97 -8.63 -4.20
CA LEU A 110 2.31 -8.12 -3.95
C LEU A 110 2.92 -8.27 -2.57
N GLU A 111 4.18 -8.73 -2.54
CA GLU A 111 4.96 -8.84 -1.31
C GLU A 111 6.22 -8.06 -1.62
N PHE A 112 6.81 -7.45 -0.61
CA PHE A 112 8.04 -6.71 -0.81
C PHE A 112 9.08 -7.26 0.16
N GLU A 113 9.94 -8.14 -0.32
CA GLU A 113 10.99 -8.71 0.50
C GLU A 113 12.15 -7.75 0.50
N SER A 114 12.87 -7.67 1.61
CA SER A 114 13.97 -6.76 1.68
C SER A 114 15.17 -7.44 1.11
N ALA A 115 15.80 -6.80 0.11
CA ALA A 115 17.00 -7.33 -0.54
C ALA A 115 18.10 -7.40 0.52
N GLN A 116 18.18 -6.36 1.34
CA GLN A 116 19.15 -6.33 2.41
C GLN A 116 18.90 -7.47 3.37
N PHE A 117 17.68 -7.54 3.90
CA PHE A 117 17.33 -8.57 4.87
C PHE A 117 16.31 -9.58 4.42
N PRO A 118 16.68 -10.50 3.51
CA PRO A 118 15.74 -11.51 3.03
C PRO A 118 14.98 -12.19 4.18
N ASN A 119 13.74 -12.59 3.90
CA ASN A 119 12.84 -13.23 4.86
C ASN A 119 12.21 -12.22 5.82
N TRP A 120 12.26 -10.96 5.42
CA TRP A 120 11.72 -9.82 6.16
C TRP A 120 11.02 -8.96 5.11
N TYR A 121 9.71 -8.76 5.27
CA TYR A 121 8.92 -8.00 4.30
C TYR A 121 8.20 -6.81 4.87
N ILE A 122 7.77 -5.92 3.99
CA ILE A 122 7.00 -4.75 4.38
C ILE A 122 5.68 -5.34 4.92
N SER A 123 5.34 -4.99 6.15
CA SER A 123 4.15 -5.54 6.80
C SER A 123 3.27 -4.51 7.46
N THR A 124 2.06 -4.95 7.80
CA THR A 124 1.09 -4.12 8.52
C THR A 124 0.40 -5.06 9.47
N SER A 125 -0.21 -4.48 10.50
CA SER A 125 -0.92 -5.27 11.49
C SER A 125 -2.41 -5.32 11.16
N GLN A 126 -3.07 -6.34 11.71
CA GLN A 126 -4.51 -6.51 11.54
C GLN A 126 -5.15 -5.29 12.20
N ALA A 127 -4.44 -4.76 13.18
CA ALA A 127 -4.88 -3.61 13.91
C ALA A 127 -5.02 -2.39 13.03
N GLU A 128 -5.96 -1.56 13.41
CA GLU A 128 -6.24 -0.34 12.71
C GLU A 128 -5.25 0.70 13.19
N ASN A 129 -4.85 1.57 12.28
CA ASN A 129 -3.92 2.67 12.56
C ASN A 129 -2.58 2.38 13.22
N MET A 130 -2.01 1.22 12.97
CA MET A 130 -0.69 0.90 13.52
C MET A 130 0.37 1.20 12.43
N PRO A 131 1.65 1.38 12.81
CA PRO A 131 2.66 1.68 11.80
C PRO A 131 3.01 0.54 10.84
N VAL A 132 3.52 0.94 9.68
CA VAL A 132 3.98 0.05 8.61
C VAL A 132 5.40 -0.30 9.08
N PHE A 133 5.70 -1.60 9.19
CA PHE A 133 7.01 -2.06 9.66
C PHE A 133 7.62 -3.20 8.80
N LEU A 134 8.79 -3.70 9.17
CA LEU A 134 9.39 -4.81 8.45
C LEU A 134 9.10 -6.00 9.36
N GLY A 135 8.40 -6.99 8.84
CA GLY A 135 8.05 -8.14 9.63
C GLY A 135 8.75 -9.37 9.14
N GLY A 136 9.23 -10.18 10.08
CA GLY A 136 9.99 -11.37 9.73
C GLY A 136 9.35 -12.75 9.70
N THR A 137 8.19 -12.89 10.30
CA THR A 137 7.52 -14.19 10.33
C THR A 137 6.63 -14.38 9.10
N LYS A 138 6.39 -13.27 8.38
CA LYS A 138 5.57 -13.26 7.16
C LYS A 138 4.09 -13.63 7.44
N GLY A 139 3.83 -14.89 7.76
CA GLY A 139 2.48 -15.33 8.04
C GLY A 139 2.13 -15.47 9.52
N GLY A 140 2.96 -14.90 10.39
CA GLY A 140 2.74 -14.97 11.83
C GLY A 140 1.36 -14.50 12.24
N GLN A 141 0.75 -13.71 11.36
CA GLN A 141 -0.58 -13.11 11.51
C GLN A 141 -0.51 -11.71 10.88
N ASP A 142 0.72 -11.25 10.68
CA ASP A 142 0.95 -9.94 10.10
C ASP A 142 0.84 -10.01 8.59
N ILE A 143 0.32 -8.94 8.02
CA ILE A 143 0.06 -8.82 6.60
C ILE A 143 1.31 -8.42 5.83
N THR A 144 1.64 -9.24 4.83
CA THR A 144 2.80 -9.02 3.98
C THR A 144 2.38 -8.98 2.52
N ASP A 145 1.06 -8.95 2.28
CA ASP A 145 0.46 -8.91 0.95
C ASP A 145 -0.21 -7.57 0.72
N PHE A 146 -0.04 -7.04 -0.50
CA PHE A 146 -0.59 -5.73 -0.89
C PHE A 146 -1.16 -5.72 -2.31
N THR A 147 -1.73 -4.58 -2.70
CA THR A 147 -2.34 -4.33 -4.03
C THR A 147 -1.75 -3.01 -4.44
N MET A 148 -1.69 -2.77 -5.74
CA MET A 148 -1.11 -1.54 -6.21
C MET A 148 -2.05 -0.88 -7.15
N GLN A 149 -2.10 0.42 -7.03
CA GLN A 149 -2.93 1.21 -7.89
C GLN A 149 -1.98 2.25 -8.48
N PHE A 150 -1.99 2.36 -9.81
CA PHE A 150 -1.14 3.31 -10.49
C PHE A 150 -1.82 4.63 -10.56
N VAL A 151 -1.06 5.70 -10.41
CA VAL A 151 -1.63 7.03 -10.49
C VAL A 151 -1.40 7.54 -11.92
N SER A 152 -2.23 7.05 -12.84
CA SER A 152 -2.18 7.46 -14.25
C SER A 152 -3.25 8.54 -14.39
N SER A 153 -4.00 8.73 -13.30
CA SER A 153 -5.07 9.72 -13.17
C SER A 153 -5.57 9.74 -11.72
N CYS B 6 4.25 20.13 29.41
CA CYS B 6 3.49 19.55 28.27
C CYS B 6 3.55 20.42 27.01
N LYS B 7 3.37 19.77 25.85
CA LYS B 7 3.37 20.43 24.54
C LYS B 7 1.99 20.21 23.87
N GLU B 8 1.98 19.48 22.74
CA GLU B 8 0.76 19.18 21.97
C GLU B 8 0.99 18.10 20.88
N ARG B 9 -0.09 17.43 20.49
CA ARG B 9 -0.09 16.37 19.47
C ARG B 9 -1.38 16.54 18.65
N GLU B 10 -1.36 16.20 17.37
CA GLU B 10 -2.56 16.38 16.50
C GLU B 10 -3.61 15.26 16.29
N GLU B 11 -3.64 14.66 15.08
CA GLU B 11 -4.58 13.60 14.64
C GLU B 11 -5.75 14.19 13.83
N LYS B 12 -5.44 14.62 12.61
CA LYS B 12 -6.43 15.23 11.73
C LYS B 12 -7.52 14.33 11.18
N ILE B 13 -7.22 13.03 11.03
CA ILE B 13 -8.21 12.08 10.52
C ILE B 13 -9.32 11.86 11.56
N ILE B 14 -10.54 12.27 11.18
CA ILE B 14 -11.68 12.11 12.05
C ILE B 14 -12.47 10.86 11.65
N LEU B 15 -12.57 9.94 12.61
CA LEU B 15 -13.31 8.71 12.40
C LEU B 15 -14.77 9.00 12.72
N VAL B 16 -15.62 8.82 11.72
CA VAL B 16 -17.05 9.05 11.84
C VAL B 16 -17.79 7.74 12.12
N SER B 17 -18.16 7.51 13.37
CA SER B 17 -18.91 6.31 13.75
C SER B 17 -20.41 6.65 13.82
N SER B 18 -21.26 5.63 13.84
CA SER B 18 -22.69 5.93 13.90
C SER B 18 -23.23 5.91 15.33
N ALA B 19 -24.13 6.84 15.63
CA ALA B 19 -24.75 6.92 16.94
C ALA B 19 -25.77 5.80 17.02
N ASN B 20 -26.06 5.33 18.24
CA ASN B 20 -27.02 4.26 18.56
C ASN B 20 -26.30 2.96 18.92
N GLU B 21 -24.97 2.95 18.74
CA GLU B 21 -24.15 1.75 19.02
C GLU B 21 -22.84 2.05 19.74
N ILE B 22 -22.21 1.00 20.28
CA ILE B 22 -20.94 1.14 20.99
C ILE B 22 -19.85 1.68 20.09
N ASP B 23 -18.79 2.20 20.72
CA ASP B 23 -17.62 2.73 20.05
C ASP B 23 -16.51 2.95 21.04
N VAL B 24 -15.30 2.59 20.63
CA VAL B 24 -14.11 2.74 21.45
C VAL B 24 -13.18 3.64 20.67
N ARG B 25 -12.32 4.35 21.39
CA ARG B 25 -11.35 5.21 20.74
C ARG B 25 -10.09 5.21 21.57
N PRO B 26 -9.13 4.34 21.22
CA PRO B 26 -7.87 4.27 21.95
C PRO B 26 -6.98 5.35 21.37
N CYS B 27 -5.94 5.74 22.10
CA CYS B 27 -5.03 6.77 21.61
C CYS B 27 -3.94 6.19 20.73
N PRO B 28 -3.60 6.90 19.62
CA PRO B 28 -2.55 6.47 18.68
C PRO B 28 -1.15 6.55 19.28
N LEU B 29 -0.66 5.38 19.72
CA LEU B 29 0.68 5.28 20.28
C LEU B 29 1.52 4.49 19.28
N ASN B 30 2.54 5.17 18.78
CA ASN B 30 3.48 4.66 17.78
C ASN B 30 4.40 3.52 18.32
N PRO B 31 5.75 3.56 18.09
CA PRO B 31 6.45 2.41 18.68
C PRO B 31 6.40 2.39 20.22
N ASN B 32 6.43 3.58 20.83
CA ASN B 32 6.40 3.74 22.29
C ASN B 32 5.00 3.99 22.89
N GLU B 33 4.54 3.01 23.67
CA GLU B 33 3.24 3.08 24.34
C GLU B 33 3.41 3.22 25.86
N HIS B 34 3.84 2.13 26.51
CA HIS B 34 4.03 2.03 27.97
C HIS B 34 2.65 1.93 28.65
N LYS B 35 2.46 0.93 29.50
CA LYS B 35 1.16 0.74 30.17
C LYS B 35 1.05 1.31 31.60
N GLY B 36 1.00 2.64 31.67
CA GLY B 36 0.89 3.34 32.95
C GLY B 36 1.06 4.83 32.70
N THR B 37 0.23 5.37 31.80
CA THR B 37 0.28 6.80 31.39
C THR B 37 -1.05 7.27 30.81
N ILE B 38 -1.77 6.30 30.28
CA ILE B 38 -3.07 6.46 29.63
C ILE B 38 -4.24 7.09 30.42
N THR B 39 -4.75 8.22 29.93
CA THR B 39 -5.87 8.96 30.55
C THR B 39 -6.60 9.92 29.60
N TRP B 40 -7.93 9.76 29.50
CA TRP B 40 -8.76 10.62 28.64
C TRP B 40 -9.34 11.85 29.32
N TYR B 41 -9.67 12.86 28.51
CA TYR B 41 -10.23 14.11 29.01
C TYR B 41 -11.42 14.58 28.17
N LYS B 42 -12.24 15.46 28.74
CA LYS B 42 -13.44 15.98 28.09
C LYS B 42 -13.20 17.15 27.11
N ASP B 43 -14.29 17.69 26.54
CA ASP B 43 -14.21 18.82 25.61
C ASP B 43 -13.65 20.01 26.39
N ASP B 44 -12.97 20.94 25.71
CA ASP B 44 -12.34 22.13 26.31
C ASP B 44 -11.61 21.87 27.65
N SER B 45 -10.85 20.77 27.66
CA SER B 45 -10.07 20.30 28.81
C SER B 45 -10.79 20.37 30.17
N LYS B 46 -11.37 19.23 30.57
CA LYS B 46 -12.09 19.09 31.83
C LYS B 46 -11.47 17.94 32.63
N THR B 47 -12.31 17.11 33.24
CA THR B 47 -11.85 15.95 34.03
C THR B 47 -11.78 14.65 33.21
N PRO B 48 -11.09 13.62 33.73
CA PRO B 48 -10.95 12.33 33.05
C PRO B 48 -12.24 11.57 32.80
N VAL B 49 -12.90 11.93 31.70
CA VAL B 49 -14.16 11.34 31.25
C VAL B 49 -14.61 10.07 31.97
N SER B 50 -15.11 10.24 33.20
CA SER B 50 -15.56 9.14 34.05
C SER B 50 -14.51 8.02 34.18
N THR B 51 -14.78 7.03 35.01
CA THR B 51 -13.85 5.92 35.21
C THR B 51 -14.63 4.69 35.69
N GLU B 52 -15.94 4.77 35.54
CA GLU B 52 -16.85 3.70 35.93
C GLU B 52 -17.35 2.97 34.68
N GLN B 53 -17.14 1.66 34.63
CA GLN B 53 -17.57 0.85 33.50
C GLN B 53 -19.06 1.04 33.20
N ALA B 54 -19.85 1.34 34.23
CA ALA B 54 -21.28 1.52 34.05
C ALA B 54 -21.72 2.88 33.49
N SER B 55 -20.96 3.94 33.75
CA SER B 55 -21.34 5.25 33.21
C SER B 55 -21.37 5.19 31.69
N ARG B 56 -21.75 6.28 31.03
CA ARG B 56 -21.81 6.25 29.58
C ARG B 56 -20.52 6.58 28.85
N ILE B 57 -20.22 7.86 28.65
CA ILE B 57 -18.94 8.21 28.01
C ILE B 57 -17.90 7.97 29.11
N HIS B 58 -16.99 7.02 28.88
CA HIS B 58 -16.00 6.70 29.91
C HIS B 58 -14.75 6.00 29.42
N GLN B 59 -13.73 6.03 30.26
CA GLN B 59 -12.49 5.35 29.94
C GLN B 59 -12.35 4.09 30.79
N HIS B 60 -11.92 3.01 30.15
CA HIS B 60 -11.73 1.71 30.80
C HIS B 60 -10.28 1.29 30.51
N LYS B 61 -10.07 0.06 30.02
CA LYS B 61 -8.74 -0.46 29.71
C LYS B 61 -8.00 0.38 28.66
N GLU B 62 -7.58 1.58 29.06
CA GLU B 62 -6.86 2.51 28.21
C GLU B 62 -7.60 2.82 26.90
N LYS B 63 -8.94 2.88 26.96
CA LYS B 63 -9.78 3.14 25.79
C LYS B 63 -11.04 3.93 26.18
N LEU B 64 -11.45 4.84 25.31
CA LEU B 64 -12.63 5.69 25.53
C LEU B 64 -13.90 5.10 24.90
N TRP B 65 -14.62 4.25 25.64
CA TRP B 65 -15.85 3.62 25.16
C TRP B 65 -17.07 4.53 25.24
N PHE B 66 -18.05 4.28 24.36
CA PHE B 66 -19.25 5.11 24.32
C PHE B 66 -20.59 4.48 24.70
N VAL B 67 -20.57 3.21 25.10
CA VAL B 67 -21.80 2.51 25.47
C VAL B 67 -22.89 2.75 24.38
N PRO B 68 -23.77 3.77 24.50
CA PRO B 68 -24.69 3.82 23.35
C PRO B 68 -24.39 4.94 22.32
N ALA B 69 -23.38 5.78 22.60
CA ALA B 69 -22.97 6.90 21.72
C ALA B 69 -24.07 7.70 21.00
N LYS B 70 -24.15 9.00 21.25
CA LYS B 70 -25.17 9.85 20.62
C LYS B 70 -24.50 10.87 19.73
N VAL B 71 -25.30 11.68 19.05
CA VAL B 71 -24.78 12.73 18.17
C VAL B 71 -24.14 13.87 18.96
N GLU B 72 -24.66 14.12 20.15
CA GLU B 72 -24.16 15.18 21.02
C GLU B 72 -22.73 14.92 21.49
N ASP B 73 -22.30 13.67 21.38
CA ASP B 73 -20.96 13.30 21.78
C ASP B 73 -19.96 13.77 20.74
N SER B 74 -20.44 13.96 19.50
CA SER B 74 -19.64 14.40 18.35
C SER B 74 -18.81 15.63 18.66
N GLY B 75 -17.65 15.41 19.27
CA GLY B 75 -16.78 16.51 19.63
C GLY B 75 -15.33 16.14 19.89
N HIS B 76 -14.54 17.18 20.13
CA HIS B 76 -13.10 17.09 20.38
C HIS B 76 -12.77 16.57 21.79
N TYR B 77 -11.94 15.51 21.86
CA TYR B 77 -11.53 14.92 23.15
C TYR B 77 -9.99 14.89 23.21
N TYR B 78 -9.43 14.47 24.35
CA TYR B 78 -7.98 14.39 24.52
C TYR B 78 -7.55 13.13 25.25
N CYS B 79 -6.24 12.92 25.27
CA CYS B 79 -5.61 11.79 25.97
C CYS B 79 -4.20 12.26 26.31
N VAL B 80 -3.65 11.86 27.46
CA VAL B 80 -2.30 12.30 27.78
C VAL B 80 -1.33 11.23 28.17
N VAL B 81 -0.16 11.31 27.56
CA VAL B 81 0.93 10.40 27.83
C VAL B 81 2.05 11.22 28.44
N ARG B 82 2.47 10.76 29.62
CA ARG B 82 3.50 11.39 30.44
C ARG B 82 3.88 10.30 31.46
N ASN B 83 4.78 9.40 31.05
CA ASN B 83 5.25 8.30 31.90
C ASN B 83 6.32 8.77 32.89
N SER B 84 7.28 9.52 32.36
CA SER B 84 8.38 10.08 33.14
C SER B 84 8.25 11.61 33.19
N SER B 85 8.01 12.23 32.03
CA SER B 85 7.86 13.70 31.96
C SER B 85 7.35 14.25 30.62
N TYR B 86 7.68 13.55 29.53
CA TYR B 86 7.31 13.95 28.16
C TYR B 86 5.80 14.07 27.84
N CYS B 87 5.14 14.99 28.53
CA CYS B 87 3.73 15.19 28.34
C CYS B 87 3.47 16.10 27.14
N LEU B 88 2.47 15.72 26.33
CA LEU B 88 2.07 16.46 25.13
C LEU B 88 0.56 16.39 24.80
N ARG B 89 -0.22 15.64 25.61
CA ARG B 89 -1.68 15.48 25.45
C ARG B 89 -2.30 15.48 24.03
N ILE B 90 -2.60 14.27 23.54
CA ILE B 90 -3.21 14.02 22.22
C ILE B 90 -4.65 14.53 22.03
N LYS B 91 -4.87 15.27 20.94
CA LYS B 91 -6.19 15.79 20.56
C LYS B 91 -6.83 14.71 19.67
N ILE B 92 -8.12 14.44 19.84
CA ILE B 92 -8.77 13.41 19.02
C ILE B 92 -9.68 13.95 17.92
N SER B 93 -10.89 14.36 18.29
CA SER B 93 -11.90 14.88 17.36
C SER B 93 -12.71 13.75 16.67
N ALA B 94 -13.83 13.41 17.29
CA ALA B 94 -14.73 12.37 16.79
C ALA B 94 -16.05 12.95 16.25
N LYS B 95 -16.78 12.13 15.50
CA LYS B 95 -18.10 12.53 14.99
C LYS B 95 -19.07 11.37 14.91
N PHE B 96 -20.28 11.60 15.41
CA PHE B 96 -21.32 10.58 15.43
C PHE B 96 -22.49 11.05 14.58
N VAL B 97 -22.96 10.16 13.70
CA VAL B 97 -24.07 10.49 12.82
C VAL B 97 -25.26 9.56 12.94
N GLU B 98 -26.35 10.02 12.36
CA GLU B 98 -27.60 9.28 12.37
C GLU B 98 -27.77 8.69 10.99
N ASN B 99 -28.40 7.53 10.90
CA ASN B 99 -28.63 6.94 9.60
C ASN B 99 -29.46 7.89 8.76
N GLU B 100 -29.09 8.06 7.50
CA GLU B 100 -29.87 8.93 6.63
C GLU B 100 -31.28 8.35 6.45
N PRO B 101 -32.24 9.19 6.04
CA PRO B 101 -33.62 8.75 5.83
C PRO B 101 -33.76 7.51 4.95
N ASN B 102 -34.43 6.49 5.49
CA ASN B 102 -34.67 5.23 4.77
C ASN B 102 -33.50 4.28 4.63
N LEU B 103 -32.29 4.81 4.78
CA LEU B 103 -31.11 3.99 4.67
C LEU B 103 -30.80 3.41 6.02
N CYS B 104 -29.94 2.40 6.00
CA CYS B 104 -29.48 1.74 7.21
C CYS B 104 -28.01 2.15 7.44
N TYR B 105 -27.70 3.36 6.98
CA TYR B 105 -26.38 3.94 7.11
C TYR B 105 -26.39 5.40 6.69
N ASN B 106 -25.25 6.04 6.92
CA ASN B 106 -24.99 7.43 6.54
C ASN B 106 -23.70 7.35 5.68
N ALA B 107 -23.72 8.00 4.52
CA ALA B 107 -22.58 7.99 3.61
C ALA B 107 -21.35 8.69 4.20
N GLN B 108 -21.58 9.53 5.20
CA GLN B 108 -20.51 10.25 5.89
C GLN B 108 -19.57 9.27 6.59
N ALA B 109 -20.02 8.02 6.72
CA ALA B 109 -19.24 7.00 7.38
C ALA B 109 -18.76 5.86 6.49
N ILE B 110 -18.92 5.97 5.16
CA ILE B 110 -18.45 4.89 4.28
C ILE B 110 -16.95 4.82 4.21
N PHE B 111 -16.48 3.61 3.95
CA PHE B 111 -15.08 3.29 3.74
C PHE B 111 -15.07 2.74 2.30
N LYS B 112 -14.36 3.43 1.41
CA LYS B 112 -14.27 2.98 0.01
C LYS B 112 -13.33 1.75 -0.17
N GLN B 113 -13.89 0.65 -0.67
CA GLN B 113 -13.14 -0.58 -0.94
C GLN B 113 -13.40 -1.09 -2.34
N LYS B 114 -12.31 -1.48 -3.03
CA LYS B 114 -12.35 -1.95 -4.41
C LYS B 114 -11.84 -3.38 -4.65
N LEU B 115 -12.38 -4.04 -5.67
CA LEU B 115 -11.98 -5.41 -6.04
C LEU B 115 -12.16 -5.63 -7.53
N PRO B 116 -11.15 -6.21 -8.19
CA PRO B 116 -11.14 -6.48 -9.62
C PRO B 116 -12.14 -7.55 -10.01
N VAL B 117 -12.83 -7.29 -11.12
CA VAL B 117 -13.84 -8.18 -11.68
C VAL B 117 -13.28 -9.55 -12.02
N ALA B 118 -14.17 -10.51 -12.23
CA ALA B 118 -13.83 -11.88 -12.59
C ALA B 118 -12.98 -12.70 -11.63
N GLY B 119 -12.85 -12.24 -10.39
CA GLY B 119 -12.06 -12.98 -9.42
C GLY B 119 -12.55 -12.78 -8.00
N ASP B 120 -12.37 -13.81 -7.17
CA ASP B 120 -12.74 -13.84 -5.75
C ASP B 120 -11.97 -12.83 -4.90
N GLY B 121 -12.68 -11.91 -4.25
CA GLY B 121 -11.98 -10.95 -3.41
C GLY B 121 -12.61 -10.83 -2.05
N GLY B 122 -12.05 -9.97 -1.22
CA GLY B 122 -12.60 -9.79 0.11
C GLY B 122 -12.78 -8.37 0.58
N LEU B 123 -13.98 -8.06 1.06
CA LEU B 123 -14.27 -6.74 1.63
C LEU B 123 -14.05 -6.92 3.14
N VAL B 124 -13.46 -5.92 3.78
CA VAL B 124 -13.15 -5.98 5.21
C VAL B 124 -13.93 -4.96 6.04
N CYS B 125 -14.60 -5.45 7.08
CA CYS B 125 -15.40 -4.65 8.01
C CYS B 125 -14.41 -3.96 8.89
N PRO B 126 -14.22 -2.64 8.74
CA PRO B 126 -13.24 -1.92 9.57
C PRO B 126 -13.44 -1.88 11.10
N TYR B 127 -12.40 -1.39 11.78
CA TYR B 127 -12.35 -1.19 13.23
C TYR B 127 -13.06 -2.19 14.12
N MET B 128 -12.92 -3.46 13.80
CA MET B 128 -13.54 -4.50 14.62
C MET B 128 -12.52 -5.05 15.63
N GLU B 129 -11.38 -4.37 15.77
CA GLU B 129 -10.32 -4.84 16.65
C GLU B 129 -10.58 -4.89 18.17
N PHE B 130 -11.52 -4.08 18.65
CA PHE B 130 -11.87 -4.00 20.08
C PHE B 130 -13.02 -4.89 20.47
N PHE B 131 -14.01 -4.94 19.58
CA PHE B 131 -15.20 -5.74 19.78
C PHE B 131 -14.88 -7.21 19.60
N LYS B 132 -13.65 -7.45 19.15
CA LYS B 132 -13.06 -8.77 18.94
C LYS B 132 -13.15 -9.48 20.28
N ASN B 133 -12.56 -8.84 21.27
CA ASN B 133 -12.54 -9.39 22.62
C ASN B 133 -13.91 -9.85 23.08
N GLU B 134 -14.10 -11.15 22.93
CA GLU B 134 -15.29 -11.88 23.33
C GLU B 134 -14.59 -13.22 23.43
N ASN B 135 -13.54 -13.21 24.24
CA ASN B 135 -12.65 -14.35 24.50
C ASN B 135 -11.73 -14.48 23.27
N ASN B 136 -11.39 -13.32 22.70
CA ASN B 136 -10.54 -13.17 21.51
C ASN B 136 -11.15 -13.74 20.24
N GLU B 137 -12.48 -13.68 20.19
CA GLU B 137 -13.26 -14.17 19.07
C GLU B 137 -14.04 -13.02 18.45
N LEU B 138 -13.67 -12.61 17.23
CA LEU B 138 -14.39 -11.55 16.52
C LEU B 138 -15.82 -12.05 16.40
N PRO B 139 -16.82 -11.21 16.74
CA PRO B 139 -18.23 -11.57 16.68
C PRO B 139 -18.72 -12.03 15.30
N LYS B 140 -19.83 -12.76 15.29
CA LYS B 140 -20.42 -13.27 14.07
C LYS B 140 -20.97 -12.11 13.28
N LEU B 141 -20.42 -11.86 12.09
CA LEU B 141 -20.90 -10.77 11.24
C LEU B 141 -22.02 -11.16 10.27
N GLN B 142 -23.00 -10.27 10.13
CA GLN B 142 -24.09 -10.48 9.20
C GLN B 142 -23.79 -9.46 8.11
N TRP B 143 -24.03 -9.80 6.84
CA TRP B 143 -23.71 -8.85 5.78
C TRP B 143 -24.90 -8.48 4.93
N TYR B 144 -24.93 -7.23 4.50
CA TYR B 144 -26.04 -6.69 3.69
C TYR B 144 -25.49 -5.81 2.59
N LYS B 145 -26.16 -5.73 1.46
CA LYS B 145 -25.73 -4.79 0.41
C LYS B 145 -27.01 -4.06 0.08
N ASP B 146 -26.96 -2.73 0.19
CA ASP B 146 -28.12 -1.87 -0.04
C ASP B 146 -29.24 -2.21 0.98
N CYS B 147 -28.81 -2.51 2.19
CA CYS B 147 -29.70 -2.83 3.29
C CYS B 147 -30.47 -4.15 3.22
N LYS B 148 -30.19 -4.96 2.21
CA LYS B 148 -30.83 -6.28 2.10
C LYS B 148 -29.78 -7.33 2.52
N PRO B 149 -30.20 -8.42 3.15
CA PRO B 149 -29.26 -9.45 3.60
C PRO B 149 -28.64 -10.44 2.60
N LEU B 150 -27.34 -10.61 2.74
CA LEU B 150 -26.62 -11.51 1.87
C LEU B 150 -26.58 -12.89 2.49
N LEU B 151 -26.82 -13.87 1.63
CA LEU B 151 -26.79 -15.27 2.01
C LEU B 151 -25.31 -15.71 1.94
N LEU B 152 -24.75 -16.17 3.06
CA LEU B 152 -23.35 -16.62 3.06
C LEU B 152 -23.24 -18.13 2.77
N ASP B 153 -23.64 -18.48 1.55
CA ASP B 153 -23.70 -19.85 1.05
C ASP B 153 -22.40 -20.52 0.60
N ASN B 154 -21.36 -19.72 0.38
CA ASN B 154 -20.05 -20.20 -0.07
C ASN B 154 -20.08 -20.53 -1.54
N ILE B 155 -21.10 -19.99 -2.20
CA ILE B 155 -21.30 -20.13 -3.64
C ILE B 155 -21.19 -18.69 -4.13
N HIS B 156 -22.07 -17.82 -3.65
CA HIS B 156 -22.00 -16.41 -4.05
C HIS B 156 -21.18 -15.55 -3.09
N PHE B 157 -21.19 -15.89 -1.80
CA PHE B 157 -20.47 -15.14 -0.77
C PHE B 157 -20.00 -16.03 0.33
N SER B 158 -18.96 -15.60 1.04
CA SER B 158 -18.43 -16.31 2.20
C SER B 158 -18.06 -15.30 3.29
N GLY B 159 -18.38 -15.63 4.53
CA GLY B 159 -18.08 -14.75 5.63
C GLY B 159 -17.09 -15.44 6.55
N VAL B 160 -15.93 -14.82 6.75
CA VAL B 160 -14.90 -15.37 7.62
C VAL B 160 -14.25 -14.26 8.43
N LYS B 161 -14.50 -14.28 9.74
CA LYS B 161 -13.99 -13.24 10.61
C LYS B 161 -14.52 -11.88 10.07
N ASP B 162 -13.66 -10.87 10.01
CA ASP B 162 -14.02 -9.56 9.53
C ASP B 162 -14.17 -9.41 8.00
N ARG B 163 -14.21 -10.50 7.25
CA ARG B 163 -14.33 -10.31 5.81
C ARG B 163 -15.46 -10.98 5.05
N LEU B 164 -15.78 -10.35 3.93
CA LEU B 164 -16.82 -10.78 3.02
C LEU B 164 -16.10 -11.17 1.73
N ILE B 165 -16.07 -12.47 1.46
CA ILE B 165 -15.46 -12.97 0.24
C ILE B 165 -16.55 -12.92 -0.82
N VAL B 166 -16.38 -12.00 -1.76
CA VAL B 166 -17.33 -11.86 -2.85
C VAL B 166 -16.73 -12.81 -3.91
N MET B 167 -17.51 -13.80 -4.31
CA MET B 167 -17.07 -14.76 -5.31
C MET B 167 -17.33 -14.26 -6.73
N ASN B 168 -16.27 -14.24 -7.55
CA ASN B 168 -16.32 -13.78 -8.93
C ASN B 168 -16.95 -12.44 -9.09
N VAL B 169 -16.28 -11.44 -8.55
CA VAL B 169 -16.71 -10.06 -8.57
C VAL B 169 -17.16 -9.60 -9.97
N ALA B 170 -18.30 -8.91 -10.03
CA ALA B 170 -18.86 -8.40 -11.29
C ALA B 170 -19.22 -6.94 -11.12
N GLU B 171 -19.65 -6.31 -12.20
CA GLU B 171 -20.04 -4.91 -12.10
C GLU B 171 -21.25 -4.87 -11.15
N LYS B 172 -22.08 -5.91 -11.24
CA LYS B 172 -23.29 -6.04 -10.42
C LYS B 172 -23.05 -6.29 -8.94
N HIS B 173 -21.85 -6.08 -8.44
CA HIS B 173 -21.60 -6.31 -7.02
C HIS B 173 -21.40 -4.95 -6.40
N ARG B 174 -21.38 -3.94 -7.24
CA ARG B 174 -21.20 -2.57 -6.77
C ARG B 174 -22.38 -2.23 -5.87
N GLY B 175 -22.10 -1.39 -4.88
CA GLY B 175 -23.11 -0.96 -3.95
C GLY B 175 -22.54 -0.75 -2.58
N ASN B 176 -23.39 -0.29 -1.66
CA ASN B 176 -23.00 -0.05 -0.28
C ASN B 176 -23.37 -1.21 0.61
N TYR B 177 -22.31 -1.85 1.12
CA TYR B 177 -22.40 -3.01 1.98
C TYR B 177 -22.29 -2.58 3.44
N THR B 178 -22.87 -3.41 4.31
CA THR B 178 -22.80 -3.19 5.73
C THR B 178 -22.60 -4.51 6.38
N CYS B 179 -21.76 -4.47 7.40
CA CYS B 179 -21.45 -5.62 8.23
C CYS B 179 -22.01 -5.32 9.63
N HIS B 180 -22.69 -6.33 10.19
CA HIS B 180 -23.31 -6.17 11.49
C HIS B 180 -22.85 -7.14 12.57
N ALA B 181 -22.52 -6.60 13.73
CA ALA B 181 -22.14 -7.42 14.88
C ALA B 181 -22.88 -6.93 16.16
N SER B 182 -22.89 -7.77 17.18
CA SER B 182 -23.54 -7.48 18.46
C SER B 182 -22.53 -7.78 19.57
N TYR B 183 -22.00 -6.72 20.18
CA TYR B 183 -21.01 -6.84 21.24
C TYR B 183 -21.58 -6.80 22.65
N THR B 184 -21.27 -7.84 23.42
CA THR B 184 -21.72 -7.98 24.79
C THR B 184 -20.78 -7.20 25.73
N TYR B 185 -21.28 -6.10 26.29
CA TYR B 185 -20.49 -5.29 27.20
C TYR B 185 -21.23 -5.06 28.51
N LEU B 186 -20.79 -5.78 29.55
CA LEU B 186 -21.39 -5.73 30.89
C LEU B 186 -22.74 -6.47 30.84
N GLY B 187 -22.74 -7.68 30.29
CA GLY B 187 -23.95 -8.47 30.20
C GLY B 187 -24.93 -8.01 29.14
N LYS B 188 -25.00 -6.71 28.90
CA LYS B 188 -25.89 -6.10 27.91
C LYS B 188 -25.20 -5.93 26.54
N GLN B 189 -25.76 -6.60 25.52
CA GLN B 189 -25.20 -6.55 24.17
C GLN B 189 -25.69 -5.43 23.27
N TYR B 190 -24.74 -4.64 22.78
CA TYR B 190 -25.00 -3.50 21.90
C TYR B 190 -24.69 -3.87 20.46
N PRO B 191 -25.27 -3.12 19.51
CA PRO B 191 -25.03 -3.39 18.10
C PRO B 191 -23.83 -2.61 17.54
N ILE B 192 -23.40 -2.98 16.33
CA ILE B 192 -22.27 -2.38 15.61
C ILE B 192 -22.41 -2.55 14.08
N THR B 193 -22.21 -1.47 13.33
CA THR B 193 -22.24 -1.52 11.85
C THR B 193 -21.12 -0.64 11.19
N ARG B 194 -20.71 -1.05 9.98
CA ARG B 194 -19.76 -0.30 9.15
C ARG B 194 -20.27 -0.43 7.72
N VAL B 195 -20.18 0.65 6.94
CA VAL B 195 -20.60 0.65 5.55
C VAL B 195 -19.35 0.73 4.74
N ILE B 196 -19.40 0.01 3.63
CA ILE B 196 -18.31 -0.10 2.70
C ILE B 196 -18.89 0.15 1.31
N GLU B 197 -18.40 1.17 0.63
CA GLU B 197 -18.89 1.42 -0.71
C GLU B 197 -18.00 0.58 -1.59
N PHE B 198 -18.56 -0.45 -2.21
CA PHE B 198 -17.80 -1.36 -3.06
C PHE B 198 -17.69 -0.94 -4.52
N ILE B 199 -16.46 -0.63 -4.95
CA ILE B 199 -16.15 -0.23 -6.32
C ILE B 199 -15.31 -1.29 -7.06
N THR B 200 -15.84 -1.81 -8.17
CA THR B 200 -15.11 -2.84 -8.93
C THR B 200 -14.03 -2.26 -9.84
N LEU B 201 -12.91 -2.97 -9.91
CA LEU B 201 -11.80 -2.58 -10.76
C LEU B 201 -11.80 -3.50 -11.98
N GLU B 202 -11.25 -3.02 -13.09
CA GLU B 202 -11.18 -3.81 -14.32
C GLU B 202 -10.30 -5.03 -14.09
N GLU B 203 -10.72 -6.15 -14.67
CA GLU B 203 -9.98 -7.39 -14.52
C GLU B 203 -8.53 -7.20 -14.93
N ASN B 204 -7.65 -7.83 -14.17
CA ASN B 204 -6.23 -7.75 -14.45
C ASN B 204 -5.82 -8.97 -15.26
N LYS B 205 -5.79 -8.78 -16.57
CA LYS B 205 -5.41 -9.83 -17.51
C LYS B 205 -3.88 -9.75 -17.66
N PRO B 206 -3.20 -10.90 -17.51
CA PRO B 206 -1.74 -10.98 -17.64
C PRO B 206 -1.34 -11.08 -19.11
N THR B 207 -0.48 -10.17 -19.57
CA THR B 207 -0.02 -10.17 -20.96
C THR B 207 1.45 -9.83 -21.08
N ARG B 208 2.20 -10.73 -21.72
CA ARG B 208 3.64 -10.52 -21.94
C ARG B 208 3.80 -9.38 -22.95
N PRO B 209 4.82 -8.52 -22.73
CA PRO B 209 5.07 -7.38 -23.62
C PRO B 209 5.66 -7.83 -24.94
N VAL B 210 5.53 -6.98 -25.96
CA VAL B 210 6.04 -7.27 -27.29
C VAL B 210 7.21 -6.34 -27.65
N ILE B 211 8.41 -6.90 -27.79
CA ILE B 211 9.58 -6.11 -28.21
C ILE B 211 9.42 -5.88 -29.71
N VAL B 212 9.32 -4.62 -30.09
CA VAL B 212 9.13 -4.30 -31.48
C VAL B 212 10.42 -4.16 -32.29
N SER B 213 11.39 -3.40 -31.77
CA SER B 213 12.57 -3.15 -32.56
C SER B 213 13.90 -3.86 -32.47
N PRO B 214 14.36 -4.25 -31.27
CA PRO B 214 15.65 -4.94 -31.35
C PRO B 214 15.47 -6.40 -31.76
N ALA B 215 14.74 -6.63 -32.83
CA ALA B 215 14.44 -7.97 -33.37
C ALA B 215 15.55 -8.90 -33.88
N ASN B 216 16.48 -9.28 -33.00
CA ASN B 216 17.56 -10.20 -33.34
C ASN B 216 18.26 -10.00 -34.69
N GLU B 217 18.96 -8.87 -34.83
CA GLU B 217 19.67 -8.54 -36.07
C GLU B 217 21.12 -8.07 -35.89
N THR B 218 21.69 -7.50 -36.96
CA THR B 218 23.08 -6.97 -36.98
C THR B 218 23.10 -5.52 -37.44
N MET B 219 24.14 -4.80 -37.05
CA MET B 219 24.27 -3.40 -37.46
C MET B 219 25.72 -3.06 -37.74
N GLU B 220 25.98 -2.37 -38.85
CA GLU B 220 27.34 -1.97 -39.22
C GLU B 220 27.67 -0.67 -38.54
N VAL B 221 28.78 -0.67 -37.80
CA VAL B 221 29.21 0.52 -37.06
C VAL B 221 30.71 0.75 -37.15
N ASP B 222 31.12 2.00 -37.20
CA ASP B 222 32.54 2.28 -37.26
C ASP B 222 33.14 2.13 -35.87
N LEU B 223 34.28 1.48 -35.81
CA LEU B 223 34.95 1.21 -34.54
C LEU B 223 35.27 2.36 -33.60
N GLY B 224 35.18 3.61 -34.05
CA GLY B 224 35.49 4.68 -33.13
C GLY B 224 34.30 5.46 -32.60
N SER B 225 33.39 5.76 -33.52
CA SER B 225 32.17 6.54 -33.30
C SER B 225 31.24 6.20 -32.13
N GLN B 226 30.12 6.94 -32.10
CA GLN B 226 29.11 6.77 -31.08
C GLN B 226 27.77 6.53 -31.76
N ILE B 227 26.97 5.65 -31.16
CA ILE B 227 25.65 5.35 -31.73
C ILE B 227 24.60 5.32 -30.64
N GLN B 228 23.34 5.26 -31.07
CA GLN B 228 22.18 5.18 -30.18
C GLN B 228 21.37 3.96 -30.57
N LEU B 229 21.20 3.02 -29.66
CA LEU B 229 20.41 1.81 -29.91
C LEU B 229 19.09 1.98 -29.14
N ILE B 230 17.97 1.83 -29.82
CA ILE B 230 16.67 2.01 -29.19
C ILE B 230 15.78 0.76 -29.10
N CYS B 231 15.33 0.45 -27.88
CA CYS B 231 14.44 -0.69 -27.69
C CYS B 231 13.01 -0.17 -27.59
N ASN B 232 12.15 -0.64 -28.50
CA ASN B 232 10.76 -0.25 -28.53
C ASN B 232 9.90 -1.45 -28.12
N VAL B 233 9.16 -1.29 -27.01
CA VAL B 233 8.27 -2.32 -26.51
C VAL B 233 6.81 -1.87 -26.50
N THR B 234 5.92 -2.78 -26.83
CA THR B 234 4.47 -2.53 -26.87
C THR B 234 3.77 -3.38 -25.82
N GLY B 235 3.45 -2.74 -24.71
CA GLY B 235 2.77 -3.40 -23.62
C GLY B 235 2.23 -2.37 -22.66
N GLN B 236 1.99 -2.78 -21.43
CA GLN B 236 1.48 -1.91 -20.39
C GLN B 236 2.57 -1.03 -19.84
N LEU B 237 2.21 0.00 -19.07
CA LEU B 237 3.24 0.87 -18.48
C LEU B 237 3.94 0.25 -17.29
N SER B 238 3.36 -0.82 -16.72
CA SER B 238 3.98 -1.53 -15.59
C SER B 238 4.98 -2.58 -16.09
N ASP B 239 5.09 -2.66 -17.42
CA ASP B 239 6.03 -3.52 -18.14
C ASP B 239 7.30 -2.68 -18.28
N ILE B 240 8.46 -3.30 -18.10
CA ILE B 240 9.73 -2.58 -18.23
C ILE B 240 10.57 -2.99 -19.47
N ALA B 241 11.53 -2.14 -19.84
CA ALA B 241 12.41 -2.41 -20.99
C ALA B 241 13.82 -1.96 -20.69
N TYR B 242 14.75 -2.90 -20.69
CA TYR B 242 16.12 -2.56 -20.41
C TYR B 242 17.14 -3.37 -21.17
N TRP B 243 18.33 -2.79 -21.26
CA TRP B 243 19.43 -3.41 -21.94
C TRP B 243 20.40 -4.11 -21.01
N LYS B 244 21.00 -5.15 -21.56
CA LYS B 244 22.01 -5.94 -20.90
C LYS B 244 22.94 -6.23 -22.07
N TRP B 245 24.23 -6.21 -21.83
CA TRP B 245 25.19 -6.52 -22.87
C TRP B 245 26.19 -7.52 -22.34
N ASN B 246 26.28 -8.68 -23.00
CA ASN B 246 27.23 -9.73 -22.62
C ASN B 246 26.95 -10.18 -21.17
N GLY B 247 25.76 -10.73 -20.97
CA GLY B 247 25.34 -11.20 -19.65
C GLY B 247 25.22 -10.20 -18.52
N SER B 248 25.40 -8.89 -18.76
CA SER B 248 25.33 -7.87 -17.70
C SER B 248 24.57 -6.59 -18.00
N VAL B 249 23.97 -6.04 -16.95
CA VAL B 249 23.20 -4.79 -17.06
C VAL B 249 24.16 -3.61 -17.24
N ILE B 250 23.61 -2.53 -17.78
CA ILE B 250 24.38 -1.33 -17.98
C ILE B 250 24.46 -0.59 -16.64
N ASP B 251 25.68 -0.39 -16.15
CA ASP B 251 25.91 0.29 -14.90
C ASP B 251 25.71 1.79 -15.04
N GLU B 252 25.22 2.40 -13.97
CA GLU B 252 24.95 3.83 -13.92
C GLU B 252 26.29 4.53 -13.99
N ASP B 253 27.29 3.92 -13.36
CA ASP B 253 28.65 4.46 -13.33
C ASP B 253 29.55 3.90 -14.44
N ASP B 254 28.96 3.60 -15.59
CA ASP B 254 29.66 3.08 -16.77
C ASP B 254 30.00 4.32 -17.60
N PRO B 255 31.27 4.42 -18.03
CA PRO B 255 31.79 5.54 -18.83
C PRO B 255 31.44 5.62 -20.34
N VAL B 256 30.96 4.53 -20.95
CA VAL B 256 30.59 4.58 -22.36
C VAL B 256 29.15 4.17 -22.64
N LEU B 257 28.58 3.40 -21.73
CA LEU B 257 27.20 2.96 -21.87
C LEU B 257 26.26 3.69 -20.92
N GLY B 258 25.10 4.08 -21.44
CA GLY B 258 24.12 4.79 -20.64
C GLY B 258 22.70 4.66 -21.16
N GLU B 259 21.75 4.38 -20.25
CA GLU B 259 20.32 4.28 -20.63
C GLU B 259 19.51 5.54 -20.34
N ASP B 260 18.44 5.68 -21.11
CA ASP B 260 17.54 6.80 -20.98
C ASP B 260 16.15 6.17 -21.15
N TYR B 261 15.35 6.08 -20.09
CA TYR B 261 14.02 5.48 -20.17
C TYR B 261 12.82 6.46 -20.34
N TYR B 262 11.89 6.08 -21.21
CA TYR B 262 10.67 6.82 -21.57
C TYR B 262 9.44 5.88 -21.63
N SER B 263 8.25 6.47 -21.57
CA SER B 263 6.97 5.74 -21.62
C SER B 263 5.91 6.64 -22.22
N VAL B 264 5.00 6.04 -22.96
CA VAL B 264 3.94 6.83 -23.60
C VAL B 264 2.69 5.99 -23.59
N GLU B 265 1.72 6.39 -22.76
CA GLU B 265 0.47 5.67 -22.62
C GLU B 265 -0.41 5.81 -23.84
N ASN B 266 -0.94 4.68 -24.32
CA ASN B 266 -1.84 4.68 -25.47
C ASN B 266 -3.24 4.93 -24.94
N PRO B 267 -3.81 6.11 -25.24
CA PRO B 267 -5.14 6.53 -24.83
C PRO B 267 -6.26 5.53 -25.20
N ALA B 268 -6.13 4.89 -26.36
CA ALA B 268 -7.11 3.93 -26.87
C ALA B 268 -7.07 2.53 -26.25
N ASN B 269 -5.89 2.11 -25.81
CA ASN B 269 -5.73 0.80 -25.20
C ASN B 269 -4.41 0.81 -24.43
N LYS B 270 -4.49 1.07 -23.13
CA LYS B 270 -3.32 1.12 -22.27
C LYS B 270 -2.46 -0.15 -22.20
N ARG B 271 -3.00 -1.28 -22.69
CA ARG B 271 -2.30 -2.56 -22.69
C ARG B 271 -1.44 -2.63 -23.96
N ARG B 272 -1.53 -1.56 -24.74
CA ARG B 272 -0.77 -1.40 -25.97
C ARG B 272 -0.10 -0.02 -26.01
N SER B 273 0.61 0.30 -24.92
CA SER B 273 1.36 1.56 -24.79
C SER B 273 2.83 1.22 -25.15
N THR B 274 3.67 2.22 -25.36
CA THR B 274 5.06 1.96 -25.74
C THR B 274 6.16 2.39 -24.74
N LEU B 275 7.07 1.48 -24.45
CA LEU B 275 8.19 1.75 -23.57
C LEU B 275 9.36 2.05 -24.54
N ILE B 276 10.17 3.05 -24.24
CA ILE B 276 11.29 3.37 -25.09
C ILE B 276 12.52 3.48 -24.22
N THR B 277 13.51 2.62 -24.47
CA THR B 277 14.75 2.64 -23.72
C THR B 277 15.92 2.90 -24.66
N VAL B 278 16.57 4.04 -24.48
CA VAL B 278 17.69 4.41 -25.33
C VAL B 278 19.05 4.08 -24.72
N LEU B 279 19.85 3.34 -25.48
CA LEU B 279 21.21 2.96 -25.10
C LEU B 279 22.16 3.87 -25.90
N ASN B 280 22.98 4.65 -25.20
CA ASN B 280 23.91 5.54 -25.85
C ASN B 280 25.31 5.01 -25.65
N ILE B 281 25.99 4.68 -26.77
CA ILE B 281 27.37 4.19 -26.75
C ILE B 281 28.17 5.37 -27.26
N SER B 282 28.94 5.96 -26.36
CA SER B 282 29.73 7.14 -26.66
C SER B 282 30.92 6.88 -27.57
N GLU B 283 31.53 5.70 -27.36
CA GLU B 283 32.69 5.24 -28.12
C GLU B 283 32.56 3.72 -28.28
N ILE B 284 32.40 3.27 -29.52
CA ILE B 284 32.28 1.84 -29.81
C ILE B 284 33.65 1.23 -29.66
N GLU B 285 33.75 0.22 -28.80
CA GLU B 285 34.99 -0.44 -28.51
C GLU B 285 35.07 -1.82 -29.15
N SER B 286 36.30 -2.35 -29.23
CA SER B 286 36.58 -3.66 -29.85
C SER B 286 35.66 -4.74 -29.36
N ARG B 287 35.45 -4.74 -28.06
CA ARG B 287 34.62 -5.72 -27.39
C ARG B 287 33.16 -5.79 -27.82
N PHE B 288 32.54 -4.65 -28.18
CA PHE B 288 31.10 -4.63 -28.60
C PHE B 288 30.76 -5.42 -29.87
N TYR B 289 31.78 -5.86 -30.59
CA TYR B 289 31.60 -6.64 -31.81
C TYR B 289 31.57 -8.14 -31.52
N LYS B 290 31.97 -8.52 -30.31
CA LYS B 290 32.00 -9.93 -29.87
C LYS B 290 30.66 -10.48 -29.37
N HIS B 291 29.98 -9.66 -28.57
CA HIS B 291 28.68 -10.03 -28.01
C HIS B 291 27.57 -9.02 -28.31
N PRO B 292 26.35 -9.52 -28.51
CA PRO B 292 25.26 -8.61 -28.82
C PRO B 292 24.64 -7.90 -27.62
N PHE B 293 24.02 -6.76 -27.93
CA PHE B 293 23.33 -5.95 -26.95
C PHE B 293 21.92 -6.48 -26.96
N THR B 294 21.51 -7.15 -25.88
CA THR B 294 20.16 -7.69 -25.80
C THR B 294 19.20 -6.76 -25.04
N CYS B 295 17.94 -6.75 -25.46
CA CYS B 295 16.92 -5.92 -24.84
C CYS B 295 15.84 -6.79 -24.21
N PHE B 296 15.49 -6.50 -22.96
CA PHE B 296 14.50 -7.30 -22.24
C PHE B 296 13.20 -6.62 -21.88
N ALA B 297 12.10 -7.28 -22.25
CA ALA B 297 10.76 -6.79 -21.93
C ALA B 297 10.28 -7.71 -20.79
N LYS B 298 10.12 -7.14 -19.59
CA LYS B 298 9.74 -7.94 -18.45
C LYS B 298 8.59 -7.44 -17.62
N ASN B 299 7.90 -8.40 -17.02
CA ASN B 299 6.80 -8.19 -16.09
C ASN B 299 6.70 -9.47 -15.24
N THR B 300 5.76 -9.54 -14.30
CA THR B 300 5.64 -10.73 -13.42
C THR B 300 5.35 -12.05 -14.12
N HIS B 301 4.79 -11.97 -15.33
CA HIS B 301 4.42 -13.15 -16.12
C HIS B 301 5.42 -13.57 -17.18
N GLY B 302 6.70 -13.21 -17.00
CA GLY B 302 7.71 -13.60 -17.98
C GLY B 302 8.38 -12.50 -18.81
N ILE B 303 9.61 -12.80 -19.19
CA ILE B 303 10.45 -11.89 -19.97
C ILE B 303 10.35 -12.12 -21.50
N ASP B 304 11.00 -11.23 -22.24
CA ASP B 304 11.05 -11.28 -23.70
C ASP B 304 12.43 -10.74 -24.09
N ALA B 305 13.10 -11.38 -25.05
CA ALA B 305 14.43 -10.94 -25.50
C ALA B 305 14.60 -10.77 -27.00
N ALA B 306 15.46 -9.81 -27.34
CA ALA B 306 15.75 -9.47 -28.72
C ALA B 306 17.09 -8.73 -28.74
N TYR B 307 17.98 -9.09 -29.67
CA TYR B 307 19.29 -8.46 -29.69
C TYR B 307 19.66 -7.66 -30.93
N ILE B 308 20.78 -6.95 -30.82
CA ILE B 308 21.37 -6.17 -31.89
C ILE B 308 22.87 -6.52 -31.82
N GLN B 309 23.36 -7.22 -32.84
CA GLN B 309 24.76 -7.60 -32.92
C GLN B 309 25.50 -6.60 -33.77
N LEU B 310 26.44 -5.89 -33.15
CA LEU B 310 27.24 -4.90 -33.86
C LEU B 310 28.30 -5.64 -34.68
N ILE B 311 28.52 -5.17 -35.91
CA ILE B 311 29.50 -5.76 -36.81
C ILE B 311 30.23 -4.62 -37.52
N TYR B 312 31.48 -4.83 -37.95
CA TYR B 312 32.23 -3.79 -38.68
C TYR B 312 31.66 -3.64 -40.08
N PRO B 313 31.80 -2.46 -40.68
CA PRO B 313 31.26 -2.31 -42.03
C PRO B 313 31.94 -3.20 -43.09
N VAL B 314 31.18 -3.52 -44.12
CA VAL B 314 31.67 -4.36 -45.21
C VAL B 314 32.54 -3.56 -46.19
N THR B 315 33.75 -4.06 -46.45
CA THR B 315 34.70 -3.43 -47.37
C THR B 315 34.13 -3.47 -48.80
#